data_6JWK
#
_entry.id   6JWK
#
_cell.length_a   83.022
_cell.length_b   83.022
_cell.length_c   184.725
_cell.angle_alpha   90.000
_cell.angle_beta   90.000
_cell.angle_gamma   90.000
#
_symmetry.space_group_name_H-M   'P 43 21 2'
#
loop_
_entity.id
_entity.type
_entity.pdbx_description
1 polymer 'Probable glutathione S-transferase'
2 non-polymer GLYCEROL
3 non-polymer 'SULFATE ION'
4 water water
#
_entity_poly.entity_id   1
_entity_poly.type   'polypeptide(L)'
_entity_poly.pdbx_seq_one_letter_code
;MQLYSFFNSSTSYRVRIALALKGLDYQVVPVNLRQGEQLRPADRQRNPMGALPTLVDADGRRFSQSLAIIDYLDAVQPEP
RLIPLDPLHRAQALELALLVACDIHPLNNVRVLKYLTQVLGIDAEDRQRWYAHWVAEGLAAAETLLNRHRRGAFFAGAAA
GIVECCLVPQLANARRMGCDLAPYPALLELEGRCLALEAFQRASPERQPDYLPDLEHHHHHH
;
_entity_poly.pdbx_strand_id   A,B
#
loop_
_chem_comp.id
_chem_comp.type
_chem_comp.name
_chem_comp.formula
GOL non-polymer GLYCEROL 'C3 H8 O3'
SO4 non-polymer 'SULFATE ION' 'O4 S -2'
#
# COMPACT_ATOMS: atom_id res chain seq x y z
N MET A 1 1.22 -1.80 24.93
CA MET A 1 0.82 -2.46 23.70
C MET A 1 1.71 -3.67 23.48
N GLN A 2 1.19 -4.60 22.70
CA GLN A 2 1.88 -5.81 22.22
C GLN A 2 2.07 -5.70 20.71
N LEU A 3 3.22 -6.17 20.23
CA LEU A 3 3.46 -6.41 18.78
C LEU A 3 3.73 -7.88 18.58
N TYR A 4 2.79 -8.58 17.96
CA TYR A 4 2.99 -9.93 17.36
C TYR A 4 3.92 -9.70 16.17
N SER A 5 5.19 -10.04 16.36
CA SER A 5 6.36 -9.79 15.46
C SER A 5 7.06 -11.12 15.20
N PHE A 6 7.66 -11.26 14.01
CA PHE A 6 8.71 -12.27 13.69
C PHE A 6 9.95 -11.47 13.27
N PHE A 7 11.11 -11.88 13.77
CA PHE A 7 12.40 -11.19 13.56
C PHE A 7 12.58 -10.96 12.06
N ASN A 8 12.24 -11.93 11.20
CA ASN A 8 12.58 -11.78 9.75
C ASN A 8 11.43 -11.26 8.88
N SER A 9 10.29 -10.85 9.45
CA SER A 9 9.15 -10.19 8.73
C SER A 9 9.50 -8.73 8.46
N SER A 10 9.58 -8.35 7.18
CA SER A 10 9.87 -6.96 6.75
C SER A 10 8.79 -6.02 7.29
N THR A 11 7.51 -6.42 7.18
CA THR A 11 6.40 -5.59 7.73
C THR A 11 6.54 -5.43 9.23
N SER A 12 6.91 -6.47 9.99
CA SER A 12 7.17 -6.32 11.46
C SER A 12 8.35 -5.34 11.66
N TYR A 13 9.44 -5.45 10.86
CA TYR A 13 10.61 -4.54 10.96
C TYR A 13 10.15 -3.07 10.84
N ARG A 14 9.30 -2.75 9.86
CA ARG A 14 8.75 -1.39 9.65
C ARG A 14 8.18 -0.86 10.95
N VAL A 15 7.32 -1.64 11.56
CA VAL A 15 6.61 -1.19 12.78
C VAL A 15 7.60 -1.15 13.96
N ARG A 16 8.56 -2.10 14.07
CA ARG A 16 9.54 -2.02 15.20
C ARG A 16 10.35 -0.74 15.09
N ILE A 17 10.70 -0.33 13.86
CA ILE A 17 11.40 0.96 13.68
C ILE A 17 10.53 2.11 14.21
N ALA A 18 9.27 2.21 13.74
CA ALA A 18 8.34 3.30 14.15
C ALA A 18 8.23 3.32 15.69
N LEU A 19 8.07 2.14 16.34
CA LEU A 19 7.93 2.06 17.81
C LEU A 19 9.23 2.57 18.46
N ALA A 20 10.40 2.22 17.90
CA ALA A 20 11.72 2.60 18.45
C ALA A 20 11.88 4.10 18.27
N LEU A 21 11.49 4.65 17.12
CA LEU A 21 11.62 6.11 16.93
C LEU A 21 10.75 6.90 17.92
N LYS A 22 9.55 6.41 18.23
CA LYS A 22 8.65 7.05 19.23
C LYS A 22 9.18 6.81 20.67
N GLY A 23 9.97 5.81 20.84
CA GLY A 23 10.49 5.42 22.11
C GLY A 23 9.42 4.72 22.90
N LEU A 24 8.51 4.07 22.23
CA LEU A 24 7.43 3.43 22.93
C LEU A 24 7.79 2.05 23.30
N ASP A 25 7.49 1.71 24.55
CA ASP A 25 7.76 0.35 24.93
C ASP A 25 6.53 -0.46 24.72
N TYR A 26 6.81 -1.67 24.37
CA TYR A 26 5.84 -2.63 24.09
C TYR A 26 6.47 -3.98 24.34
N GLN A 27 5.65 -4.98 24.20
CA GLN A 27 6.01 -6.37 24.44
C GLN A 27 6.01 -7.03 23.07
N VAL A 28 7.20 -7.38 22.54
CA VAL A 28 7.31 -8.32 21.39
C VAL A 28 6.62 -9.61 21.82
N VAL A 29 5.78 -10.17 20.97
CA VAL A 29 5.18 -11.50 21.23
C VAL A 29 5.51 -12.36 20.02
N PRO A 30 6.61 -13.13 20.04
CA PRO A 30 6.97 -13.91 18.87
C PRO A 30 5.94 -15.02 18.62
N LEU A 52 0.79 -10.99 10.53
CA LEU A 52 2.02 -10.35 11.07
C LEU A 52 2.30 -9.07 10.29
N PRO A 53 2.66 -7.95 10.97
CA PRO A 53 2.59 -7.87 12.43
C PRO A 53 1.12 -7.66 12.82
N THR A 54 0.82 -7.84 14.11
CA THR A 54 -0.39 -7.32 14.77
C THR A 54 0.02 -6.48 15.97
N LEU A 55 -0.32 -5.20 15.95
CA LEU A 55 -0.27 -4.31 17.14
C LEU A 55 -1.61 -4.45 17.88
N VAL A 56 -1.55 -4.77 19.17
CA VAL A 56 -2.71 -4.80 20.10
C VAL A 56 -2.54 -3.59 21.02
N ASP A 57 -3.48 -2.64 20.98
CA ASP A 57 -3.34 -1.42 21.82
C ASP A 57 -3.93 -1.69 23.20
N ALA A 58 -3.97 -0.66 24.06
CA ALA A 58 -4.38 -0.74 25.49
C ALA A 58 -5.86 -1.17 25.62
N ASP A 59 -6.64 -1.15 24.54
CA ASP A 59 -8.09 -1.46 24.55
C ASP A 59 -8.33 -2.85 23.95
N GLY A 60 -7.27 -3.56 23.55
CA GLY A 60 -7.42 -4.87 22.90
C GLY A 60 -7.77 -4.74 21.44
N ARG A 61 -7.69 -3.54 20.84
CA ARG A 61 -7.91 -3.43 19.36
C ARG A 61 -6.66 -3.94 18.64
N ARG A 62 -6.85 -4.69 17.56
CA ARG A 62 -5.80 -5.33 16.73
C ARG A 62 -5.66 -4.56 15.40
N PHE A 63 -4.44 -4.28 14.94
CA PHE A 63 -4.14 -3.63 13.64
C PHE A 63 -3.03 -4.42 12.95
N SER A 64 -3.13 -4.70 11.66
CA SER A 64 -2.11 -5.54 11.02
C SER A 64 -1.33 -4.99 9.82
N GLN A 65 -1.85 -3.89 9.29
CA GLN A 65 -1.26 -3.20 8.12
C GLN A 65 -0.23 -2.16 8.62
N SER A 66 1.04 -2.41 8.34
CA SER A 66 2.17 -1.61 8.87
C SER A 66 1.93 -0.14 8.63
N LEU A 67 1.48 0.28 7.42
CA LEU A 67 1.38 1.74 7.17
C LEU A 67 0.21 2.36 7.95
N ALA A 68 -0.88 1.64 8.21
CA ALA A 68 -1.97 2.12 9.09
C ALA A 68 -1.48 2.24 10.53
N ILE A 69 -0.70 1.26 10.99
CA ILE A 69 -0.09 1.28 12.34
C ILE A 69 0.79 2.53 12.45
N ILE A 70 1.62 2.80 11.44
CA ILE A 70 2.54 3.96 11.56
C ILE A 70 1.69 5.23 11.64
N ASP A 71 0.63 5.33 10.86
CA ASP A 71 -0.25 6.54 10.92
C ASP A 71 -0.87 6.66 12.32
N TYR A 72 -1.39 5.56 12.85
CA TYR A 72 -2.00 5.49 14.20
C TYR A 72 -0.99 5.90 15.29
N LEU A 73 0.26 5.44 15.20
CA LEU A 73 1.26 5.82 16.20
C LEU A 73 1.45 7.32 16.23
N ASP A 74 1.21 8.01 15.11
CA ASP A 74 1.40 9.48 15.07
C ASP A 74 0.28 10.12 15.89
N ALA A 75 -0.88 9.49 15.98
CA ALA A 75 -2.02 9.95 16.81
C ALA A 75 -1.75 9.61 18.28
N VAL A 76 -1.21 8.42 18.53
CA VAL A 76 -0.94 7.91 19.91
C VAL A 76 0.13 8.80 20.57
N GLN A 77 1.18 9.19 19.84
CA GLN A 77 2.30 10.01 20.38
C GLN A 77 2.86 10.82 19.24
N PRO A 78 2.27 12.01 19.03
CA PRO A 78 2.61 12.84 17.90
C PRO A 78 4.13 13.09 17.70
N GLU A 79 4.88 13.38 18.77
CA GLU A 79 6.32 13.75 18.62
C GLU A 79 7.19 12.57 19.03
N PRO A 80 8.28 12.29 18.29
CA PRO A 80 8.54 12.90 16.97
C PRO A 80 7.68 12.27 15.84
N ARG A 81 7.38 13.09 14.86
CA ARG A 81 6.31 12.83 13.87
C ARG A 81 6.87 11.85 12.85
N LEU A 82 6.13 10.82 12.47
CA LEU A 82 6.58 9.87 11.40
C LEU A 82 6.06 10.30 10.01
N ILE A 83 4.94 11.01 9.91
CA ILE A 83 4.34 11.47 8.62
C ILE A 83 4.19 12.99 8.67
N PRO A 84 4.66 13.73 7.67
CA PRO A 84 4.61 15.19 7.76
C PRO A 84 3.19 15.73 7.85
N LEU A 85 3.02 16.93 8.41
CA LEU A 85 1.74 17.68 8.45
C LEU A 85 1.53 18.43 7.13
N ASP A 86 2.56 19.03 6.57
CA ASP A 86 2.43 19.82 5.31
C ASP A 86 1.87 18.92 4.20
N PRO A 87 0.76 19.31 3.52
CA PRO A 87 0.13 18.43 2.54
C PRO A 87 1.07 18.00 1.42
N LEU A 88 1.89 18.90 0.85
CA LEU A 88 2.81 18.51 -0.25
C LEU A 88 3.88 17.55 0.27
N HIS A 89 4.47 17.84 1.45
CA HIS A 89 5.56 17.02 2.02
C HIS A 89 4.97 15.65 2.38
N ARG A 90 3.73 15.64 2.85
CA ARG A 90 3.02 14.40 3.21
C ARG A 90 2.78 13.57 1.95
N ALA A 91 2.32 14.18 0.86
CA ALA A 91 2.06 13.45 -0.40
C ALA A 91 3.37 12.82 -0.89
N GLN A 92 4.48 13.56 -0.79
CA GLN A 92 5.80 13.07 -1.24
C GLN A 92 6.26 11.88 -0.37
N ALA A 93 6.12 11.96 0.95
CA ALA A 93 6.47 10.89 1.89
C ALA A 93 5.60 9.66 1.59
N LEU A 94 4.28 9.86 1.40
CA LEU A 94 3.40 8.68 1.22
C LEU A 94 3.65 8.09 -0.15
N GLU A 95 4.00 8.91 -1.14
CA GLU A 95 4.31 8.40 -2.48
C GLU A 95 5.44 7.38 -2.37
N LEU A 96 6.53 7.75 -1.68
CA LEU A 96 7.71 6.83 -1.59
C LEU A 96 7.40 5.63 -0.69
N ALA A 97 6.71 5.83 0.45
CA ALA A 97 6.30 4.73 1.34
C ALA A 97 5.41 3.73 0.58
N LEU A 98 4.45 4.22 -0.22
CA LEU A 98 3.52 3.30 -0.93
C LEU A 98 4.18 2.64 -2.13
N LEU A 99 5.14 3.30 -2.77
CA LEU A 99 5.95 2.64 -3.81
C LEU A 99 6.51 1.35 -3.22
N VAL A 100 7.11 1.45 -2.04
CA VAL A 100 7.69 0.28 -1.36
C VAL A 100 6.58 -0.67 -0.92
N ALA A 101 5.56 -0.17 -0.23
CA ALA A 101 4.58 -1.06 0.46
C ALA A 101 3.61 -1.73 -0.54
N CYS A 102 3.38 -1.13 -1.71
CA CYS A 102 2.41 -1.61 -2.71
C CYS A 102 3.11 -2.18 -3.94
N ASP A 103 4.27 -1.63 -4.36
CA ASP A 103 4.80 -1.98 -5.71
C ASP A 103 6.08 -2.84 -5.62
N ILE A 104 6.67 -3.03 -4.44
CA ILE A 104 7.88 -3.90 -4.32
C ILE A 104 7.54 -5.07 -3.39
N HIS A 105 7.37 -4.77 -2.11
CA HIS A 105 7.36 -5.84 -1.08
C HIS A 105 6.32 -6.92 -1.39
N PRO A 106 5.06 -6.57 -1.76
CA PRO A 106 4.00 -7.59 -1.90
C PRO A 106 4.37 -8.71 -2.88
N LEU A 107 5.08 -8.38 -3.96
CA LEU A 107 5.53 -9.35 -4.99
C LEU A 107 6.64 -10.27 -4.45
N ASN A 108 7.38 -9.85 -3.42
CA ASN A 108 8.59 -10.56 -2.96
C ASN A 108 8.37 -11.19 -1.58
N ASN A 109 7.17 -11.11 -1.04
CA ASN A 109 6.72 -11.77 0.21
C ASN A 109 7.17 -13.25 0.24
N VAL A 110 7.43 -13.79 1.43
CA VAL A 110 7.57 -15.27 1.65
C VAL A 110 6.35 -16.03 1.06
N ARG A 111 5.12 -15.58 1.30
CA ARG A 111 3.90 -16.32 0.83
C ARG A 111 3.89 -16.40 -0.71
N VAL A 112 4.29 -15.35 -1.43
CA VAL A 112 4.36 -15.36 -2.92
C VAL A 112 5.45 -16.31 -3.43
N LEU A 113 6.66 -16.24 -2.87
CA LEU A 113 7.78 -17.13 -3.31
C LEU A 113 7.39 -18.59 -3.02
N LYS A 114 6.82 -18.89 -1.85
CA LYS A 114 6.21 -20.22 -1.54
C LYS A 114 5.27 -20.65 -2.68
N TYR A 115 4.28 -19.83 -3.05
CA TYR A 115 3.33 -20.15 -4.14
C TYR A 115 4.09 -20.44 -5.43
N LEU A 116 5.09 -19.63 -5.79
CA LEU A 116 5.82 -19.81 -7.08
C LEU A 116 6.51 -21.20 -7.09
N THR A 117 7.08 -21.62 -5.98
CA THR A 117 7.83 -22.91 -5.88
C THR A 117 6.82 -24.07 -5.96
N GLN A 118 5.98 -24.20 -4.92
CA GLN A 118 5.14 -25.39 -4.59
C GLN A 118 3.99 -25.55 -5.59
N VAL A 119 3.38 -24.46 -6.06
CA VAL A 119 2.22 -24.50 -7.00
C VAL A 119 2.70 -24.37 -8.45
N LEU A 120 3.64 -23.49 -8.77
CA LEU A 120 4.01 -23.34 -10.20
C LEU A 120 5.37 -24.03 -10.52
N GLY A 121 6.05 -24.59 -9.50
CA GLY A 121 7.39 -25.22 -9.61
C GLY A 121 8.40 -24.33 -10.31
N ILE A 122 8.54 -23.08 -9.88
CA ILE A 122 9.59 -22.15 -10.40
C ILE A 122 10.82 -22.40 -9.52
N ASP A 123 11.97 -22.69 -10.15
CA ASP A 123 13.26 -23.04 -9.47
C ASP A 123 13.90 -21.80 -8.81
N ALA A 124 14.81 -22.02 -7.87
CA ALA A 124 15.50 -21.00 -7.02
C ALA A 124 16.02 -19.83 -7.88
N GLU A 125 16.46 -20.13 -9.10
CA GLU A 125 17.15 -19.16 -9.98
C GLU A 125 16.14 -18.23 -10.67
N ASP A 126 15.00 -18.79 -11.08
CA ASP A 126 13.89 -18.03 -11.69
C ASP A 126 13.25 -17.15 -10.61
N ARG A 127 13.19 -17.63 -9.37
CA ARG A 127 12.66 -16.91 -8.20
C ARG A 127 13.59 -15.75 -7.83
N GLN A 128 14.91 -15.95 -7.98
CA GLN A 128 15.96 -14.90 -7.87
C GLN A 128 15.63 -13.77 -8.84
N ARG A 129 15.50 -14.11 -10.13
CA ARG A 129 15.27 -13.14 -11.23
C ARG A 129 13.91 -12.43 -11.07
N TRP A 130 12.92 -13.13 -10.55
CA TRP A 130 11.61 -12.50 -10.24
C TRP A 130 11.88 -11.43 -9.18
N TYR A 131 12.48 -11.86 -8.05
CA TYR A 131 12.77 -11.06 -6.86
C TYR A 131 13.57 -9.85 -7.35
N ALA A 132 14.62 -10.08 -8.15
CA ALA A 132 15.51 -9.00 -8.61
C ALA A 132 14.77 -8.04 -9.56
N HIS A 133 13.89 -8.55 -10.40
CA HIS A 133 13.14 -7.69 -11.36
C HIS A 133 12.29 -6.64 -10.60
N TRP A 134 11.49 -7.04 -9.61
CA TRP A 134 10.57 -6.08 -8.94
C TRP A 134 11.40 -5.11 -8.09
N VAL A 135 12.51 -5.56 -7.47
CA VAL A 135 13.45 -4.73 -6.65
C VAL A 135 14.02 -3.66 -7.57
N ALA A 136 14.47 -4.05 -8.76
CA ALA A 136 15.24 -3.16 -9.67
C ALA A 136 14.33 -2.04 -10.15
N GLU A 137 13.15 -2.39 -10.66
CA GLU A 137 12.09 -1.40 -11.05
C GLU A 137 11.77 -0.47 -9.88
N GLY A 138 11.52 -1.01 -8.71
CA GLY A 138 11.01 -0.23 -7.55
C GLY A 138 12.10 0.64 -6.94
N LEU A 139 13.29 0.11 -6.78
CA LEU A 139 14.40 0.90 -6.16
C LEU A 139 14.88 2.00 -7.10
N ALA A 140 14.82 1.82 -8.40
CA ALA A 140 15.18 2.90 -9.36
C ALA A 140 14.23 4.08 -9.11
N ALA A 141 12.93 3.83 -9.00
CA ALA A 141 11.91 4.85 -8.74
C ALA A 141 12.12 5.45 -7.34
N ALA A 142 12.41 4.64 -6.32
CA ALA A 142 12.72 5.07 -4.92
C ALA A 142 13.94 6.00 -4.90
N GLU A 143 15.01 5.60 -5.59
CA GLU A 143 16.23 6.45 -5.68
C GLU A 143 15.81 7.81 -6.27
N THR A 144 15.02 7.82 -7.36
CA THR A 144 14.54 9.07 -8.04
C THR A 144 13.77 9.94 -7.04
N LEU A 145 12.78 9.37 -6.35
CA LEU A 145 11.90 10.14 -5.44
C LEU A 145 12.68 10.67 -4.25
N LEU A 146 13.58 9.86 -3.68
CA LEU A 146 14.36 10.33 -2.50
C LEU A 146 15.22 11.53 -2.92
N ASN A 147 15.94 11.42 -4.05
CA ASN A 147 16.83 12.51 -4.53
C ASN A 147 15.99 13.76 -4.85
N ARG A 148 14.79 13.60 -5.42
CA ARG A 148 13.93 14.77 -5.76
C ARG A 148 13.44 15.48 -4.52
N HIS A 149 12.89 14.74 -3.56
CA HIS A 149 11.99 15.30 -2.52
C HIS A 149 12.59 15.32 -1.11
N ARG A 150 13.80 14.75 -0.90
CA ARG A 150 14.38 14.72 0.47
C ARG A 150 14.51 16.18 0.93
N ARG A 151 14.31 16.43 2.23
CA ARG A 151 14.46 17.81 2.76
C ARG A 151 15.69 17.96 3.65
N GLY A 152 16.45 16.92 3.92
CA GLY A 152 17.64 17.08 4.79
C GLY A 152 18.34 15.77 4.90
N ALA A 153 18.84 15.42 6.09
CA ALA A 153 19.62 14.18 6.33
C ALA A 153 18.69 12.99 6.01
N PHE A 154 17.43 13.10 6.46
CA PHE A 154 16.35 12.11 6.27
C PHE A 154 15.37 12.67 5.24
N PHE A 155 14.45 11.83 4.76
CA PHE A 155 13.48 12.29 3.75
C PHE A 155 12.77 13.56 4.24
N ALA A 156 12.28 13.53 5.48
CA ALA A 156 11.45 14.60 6.07
C ALA A 156 12.33 15.67 6.75
N GLY A 157 13.65 15.63 6.62
CA GLY A 157 14.52 16.67 7.22
C GLY A 157 15.44 16.07 8.27
N ALA A 158 15.33 16.49 9.53
CA ALA A 158 16.31 16.12 10.59
C ALA A 158 15.96 14.77 11.21
N ALA A 159 14.74 14.24 11.05
CA ALA A 159 14.28 13.01 11.73
C ALA A 159 13.80 11.97 10.72
N ALA A 160 14.12 10.71 10.98
CA ALA A 160 13.61 9.56 10.22
C ALA A 160 12.08 9.45 10.43
N GLY A 161 11.42 8.85 9.45
CA GLY A 161 9.95 8.72 9.47
C GLY A 161 9.50 7.55 8.64
N ILE A 162 8.26 7.63 8.17
CA ILE A 162 7.62 6.51 7.43
C ILE A 162 8.52 6.10 6.26
N VAL A 163 9.18 7.04 5.57
CA VAL A 163 10.00 6.64 4.38
C VAL A 163 11.11 5.67 4.82
N GLU A 164 11.85 6.02 5.87
CA GLU A 164 12.97 5.20 6.40
C GLU A 164 12.41 3.92 7.00
N CYS A 165 11.23 3.96 7.60
CA CYS A 165 10.60 2.74 8.16
C CYS A 165 10.36 1.73 7.04
N CYS A 166 10.01 2.21 5.85
CA CYS A 166 9.78 1.32 4.67
C CYS A 166 11.09 0.96 3.93
N LEU A 167 12.03 1.90 3.75
CA LEU A 167 13.24 1.64 2.89
C LEU A 167 14.22 0.70 3.59
N VAL A 168 14.38 0.79 4.91
CA VAL A 168 15.43 0.04 5.65
C VAL A 168 15.14 -1.45 5.55
N PRO A 169 13.92 -1.94 5.85
CA PRO A 169 13.62 -3.35 5.64
C PRO A 169 13.68 -3.79 4.17
N GLN A 170 13.26 -2.95 3.23
CA GLN A 170 13.31 -3.30 1.80
C GLN A 170 14.77 -3.50 1.40
N LEU A 171 15.67 -2.63 1.84
CA LEU A 171 17.10 -2.73 1.42
C LEU A 171 17.73 -3.99 2.01
N ALA A 172 17.43 -4.31 3.27
CA ALA A 172 17.95 -5.50 3.96
C ALA A 172 17.52 -6.75 3.17
N ASN A 173 16.25 -6.80 2.77
CA ASN A 173 15.69 -7.91 1.96
C ASN A 173 16.39 -7.98 0.60
N ALA A 174 16.42 -6.88 -0.14
CA ALA A 174 17.08 -6.87 -1.45
C ALA A 174 18.55 -7.37 -1.33
N ARG A 175 19.27 -6.95 -0.29
CA ARG A 175 20.71 -7.29 -0.05
C ARG A 175 20.80 -8.80 0.12
N ARG A 176 19.94 -9.34 0.97
CA ARG A 176 19.95 -10.76 1.40
C ARG A 176 19.58 -11.64 0.20
N MET A 177 18.78 -11.15 -0.73
CA MET A 177 18.41 -11.92 -1.97
C MET A 177 19.43 -11.73 -3.09
N GLY A 178 20.55 -11.04 -2.84
CA GLY A 178 21.63 -10.96 -3.85
C GLY A 178 21.41 -9.89 -4.87
N CYS A 179 20.51 -8.93 -4.63
CA CYS A 179 20.30 -7.86 -5.62
C CYS A 179 21.53 -6.93 -5.69
N ASP A 180 21.77 -6.35 -6.86
CA ASP A 180 22.76 -5.28 -7.11
C ASP A 180 22.16 -4.00 -6.53
N LEU A 181 22.82 -3.41 -5.54
CA LEU A 181 22.33 -2.15 -4.91
C LEU A 181 23.22 -0.98 -5.32
N ALA A 182 24.26 -1.22 -6.13
CA ALA A 182 25.17 -0.16 -6.63
C ALA A 182 24.41 0.96 -7.34
N PRO A 183 23.31 0.74 -8.10
CA PRO A 183 22.62 1.86 -8.77
C PRO A 183 21.85 2.80 -7.82
N TYR A 184 21.85 2.56 -6.51
CA TYR A 184 20.99 3.35 -5.60
C TYR A 184 21.83 4.00 -4.50
N PRO A 185 22.82 4.86 -4.86
CA PRO A 185 23.69 5.42 -3.82
C PRO A 185 23.02 6.29 -2.76
N ALA A 186 21.98 7.06 -3.09
CA ALA A 186 21.27 7.85 -2.07
C ALA A 186 20.46 6.92 -1.15
N LEU A 187 19.86 5.86 -1.67
CA LEU A 187 19.16 4.89 -0.76
C LEU A 187 20.18 4.29 0.22
N LEU A 188 21.34 3.85 -0.28
CA LEU A 188 22.38 3.22 0.57
C LEU A 188 22.89 4.23 1.58
N GLU A 189 23.03 5.49 1.19
CA GLU A 189 23.51 6.52 2.13
C GLU A 189 22.47 6.75 3.25
N LEU A 190 21.19 6.84 2.88
CA LEU A 190 20.09 6.99 3.85
C LEU A 190 20.04 5.80 4.81
N GLU A 191 20.10 4.59 4.27
CA GLU A 191 20.21 3.34 5.05
C GLU A 191 21.30 3.44 6.12
N GLY A 192 22.52 3.86 5.75
CA GLY A 192 23.63 4.02 6.71
C GLY A 192 23.30 5.04 7.78
N ARG A 193 22.71 6.20 7.43
CA ARG A 193 22.35 7.21 8.44
C ARG A 193 21.33 6.64 9.41
N CYS A 194 20.43 5.78 8.95
CA CYS A 194 19.44 5.11 9.83
C CYS A 194 20.12 4.04 10.70
N LEU A 195 21.00 3.20 10.13
CA LEU A 195 21.52 2.05 10.89
C LEU A 195 22.55 2.54 11.93
N ALA A 196 22.96 3.81 11.88
CA ALA A 196 23.85 4.42 12.89
C ALA A 196 23.06 4.75 14.15
N LEU A 197 21.74 4.78 14.07
CA LEU A 197 20.87 5.25 15.21
C LEU A 197 20.51 4.03 16.07
N GLU A 198 20.50 4.22 17.38
CA GLU A 198 20.06 3.21 18.38
C GLU A 198 18.66 2.69 18.04
N ALA A 199 17.70 3.54 17.65
CA ALA A 199 16.29 3.14 17.35
C ALA A 199 16.31 2.08 16.26
N PHE A 200 17.10 2.25 15.18
CA PHE A 200 17.14 1.25 14.09
C PHE A 200 17.87 -0.01 14.56
N GLN A 201 18.94 0.19 15.32
CA GLN A 201 19.76 -0.93 15.85
C GLN A 201 18.85 -1.82 16.74
N ARG A 202 18.12 -1.20 17.65
CA ARG A 202 17.13 -1.90 18.54
C ARG A 202 16.10 -2.67 17.70
N ALA A 203 15.61 -2.11 16.58
CA ALA A 203 14.50 -2.71 15.81
C ALA A 203 15.01 -3.81 14.92
N SER A 204 16.32 -3.86 14.66
CA SER A 204 16.89 -4.74 13.62
C SER A 204 16.54 -6.18 13.93
N PRO A 205 16.39 -7.02 12.88
CA PRO A 205 16.11 -8.44 13.07
C PRO A 205 17.12 -9.09 14.02
N GLU A 206 18.40 -8.79 13.82
CA GLU A 206 19.53 -9.49 14.49
C GLU A 206 19.53 -9.16 15.98
N ARG A 207 18.84 -8.10 16.40
CA ARG A 207 18.81 -7.71 17.82
C ARG A 207 17.49 -8.15 18.46
N GLN A 208 16.67 -8.94 17.77
CA GLN A 208 15.33 -9.34 18.28
C GLN A 208 15.44 -10.55 19.23
N PRO A 209 14.50 -10.72 20.20
CA PRO A 209 14.55 -11.84 21.14
C PRO A 209 14.37 -13.21 20.47
N ASP A 210 13.52 -13.31 19.43
CA ASP A 210 13.30 -14.57 18.65
C ASP A 210 14.41 -14.83 17.61
N TYR A 211 15.46 -14.03 17.53
CA TYR A 211 16.56 -14.24 16.54
C TYR A 211 17.52 -15.36 17.00
N LEU A 212 17.80 -16.39 16.20
CA LEU A 212 18.85 -17.44 16.46
C LEU A 212 20.27 -16.83 16.55
N MET B 1 -5.99 21.26 -12.04
CA MET B 1 -5.38 19.92 -11.92
C MET B 1 -5.92 18.99 -13.01
N GLN B 2 -5.11 18.03 -13.41
CA GLN B 2 -5.46 17.04 -14.42
C GLN B 2 -5.10 15.68 -13.83
N LEU B 3 -5.87 14.66 -14.15
CA LEU B 3 -5.55 13.27 -13.78
C LEU B 3 -5.45 12.46 -15.04
N TYR B 4 -4.25 11.93 -15.30
CA TYR B 4 -3.93 11.09 -16.46
C TYR B 4 -4.35 9.68 -16.07
N SER B 5 -5.33 9.14 -16.79
CA SER B 5 -6.11 7.93 -16.44
C SER B 5 -6.14 7.02 -17.66
N PHE B 6 -6.13 5.71 -17.48
CA PHE B 6 -6.55 4.72 -18.50
C PHE B 6 -7.85 4.07 -18.00
N PHE B 7 -8.81 3.86 -18.91
CA PHE B 7 -10.18 3.40 -18.52
C PHE B 7 -10.09 2.08 -17.76
N ASN B 8 -9.17 1.21 -18.15
CA ASN B 8 -9.11 -0.18 -17.63
C ASN B 8 -8.10 -0.34 -16.49
N SER B 9 -7.42 0.74 -16.08
CA SER B 9 -6.46 0.70 -14.95
C SER B 9 -7.22 0.76 -13.62
N SER B 10 -7.08 -0.24 -12.76
CA SER B 10 -7.76 -0.27 -11.43
C SER B 10 -7.30 0.92 -10.59
N THR B 11 -6.03 1.27 -10.62
CA THR B 11 -5.50 2.35 -9.76
C THR B 11 -6.06 3.67 -10.29
N SER B 12 -6.22 3.81 -11.60
CA SER B 12 -6.89 5.01 -12.19
C SER B 12 -8.34 5.09 -11.68
N TYR B 13 -9.03 3.97 -11.72
CA TYR B 13 -10.45 3.87 -11.27
C TYR B 13 -10.55 4.40 -9.82
N ARG B 14 -9.66 3.95 -8.92
CA ARG B 14 -9.64 4.39 -7.49
C ARG B 14 -9.68 5.92 -7.44
N VAL B 15 -8.84 6.59 -8.23
CA VAL B 15 -8.72 8.07 -8.14
C VAL B 15 -9.85 8.76 -8.88
N ARG B 16 -10.35 8.20 -9.98
CA ARG B 16 -11.58 8.74 -10.64
C ARG B 16 -12.76 8.70 -9.66
N ILE B 17 -12.87 7.68 -8.84
CA ILE B 17 -13.97 7.67 -7.82
C ILE B 17 -13.72 8.81 -6.82
N ALA B 18 -12.49 8.96 -6.35
CA ALA B 18 -12.17 10.01 -5.36
C ALA B 18 -12.54 11.38 -5.96
N LEU B 19 -12.07 11.67 -7.18
CA LEU B 19 -12.41 12.96 -7.81
C LEU B 19 -13.94 13.12 -7.93
N ALA B 20 -14.66 12.09 -8.35
CA ALA B 20 -16.13 12.13 -8.53
C ALA B 20 -16.77 12.43 -7.18
N LEU B 21 -16.33 11.79 -6.09
CA LEU B 21 -16.90 12.08 -4.75
C LEU B 21 -16.67 13.55 -4.35
N LYS B 22 -15.54 14.13 -4.76
CA LYS B 22 -15.22 15.54 -4.43
C LYS B 22 -16.01 16.49 -5.34
N GLY B 23 -16.50 16.03 -6.51
CA GLY B 23 -17.12 16.86 -7.56
C GLY B 23 -16.10 17.58 -8.41
N LEU B 24 -14.92 16.98 -8.62
CA LEU B 24 -13.79 17.52 -9.43
C LEU B 24 -13.52 16.64 -10.66
N ASP B 25 -14.46 15.86 -11.17
CA ASP B 25 -14.09 14.83 -12.19
C ASP B 25 -13.97 15.44 -13.60
N TYR B 26 -14.25 16.75 -13.80
CA TYR B 26 -13.77 17.52 -15.00
C TYR B 26 -12.23 17.43 -15.13
N GLN B 27 -11.50 17.25 -14.03
CA GLN B 27 -10.03 17.10 -14.05
C GLN B 27 -9.54 15.84 -14.82
N VAL B 28 -10.35 14.79 -15.04
CA VAL B 28 -9.87 13.52 -15.66
C VAL B 28 -9.47 13.75 -17.15
N VAL B 29 -8.43 13.06 -17.64
CA VAL B 29 -7.76 13.17 -18.97
C VAL B 29 -7.30 11.79 -19.42
N PRO B 30 -8.01 11.11 -20.36
CA PRO B 30 -7.57 9.83 -20.93
C PRO B 30 -6.18 9.60 -21.56
N VAL B 31 -5.74 8.32 -21.58
CA VAL B 31 -4.48 7.77 -22.17
C VAL B 31 -3.31 8.61 -21.68
N ALA B 51 3.73 5.19 -14.83
CA ALA B 51 2.66 4.29 -14.32
C ALA B 51 1.46 5.15 -13.89
N LEU B 52 0.25 4.78 -14.33
CA LEU B 52 -0.98 5.57 -14.14
C LEU B 52 -1.59 5.20 -12.79
N PRO B 53 -2.46 6.03 -12.19
CA PRO B 53 -2.75 7.36 -12.72
C PRO B 53 -1.65 8.37 -12.35
N THR B 54 -1.67 9.57 -12.94
CA THR B 54 -0.81 10.68 -12.51
C THR B 54 -1.68 11.90 -12.28
N LEU B 55 -1.69 12.44 -11.07
CA LEU B 55 -2.32 13.74 -10.81
C LEU B 55 -1.31 14.83 -11.15
N VAL B 56 -1.68 15.84 -11.91
CA VAL B 56 -0.76 16.96 -12.31
C VAL B 56 -1.40 18.26 -11.84
N ASP B 57 -0.78 18.97 -10.88
CA ASP B 57 -1.38 20.19 -10.25
C ASP B 57 -1.15 21.45 -11.10
N ALA B 58 -1.72 22.57 -10.64
CA ALA B 58 -1.56 23.94 -11.18
C ALA B 58 -0.15 24.14 -11.74
N ASP B 59 0.89 23.97 -10.92
CA ASP B 59 2.30 24.29 -11.28
C ASP B 59 3.02 23.08 -11.92
N GLY B 60 2.31 22.04 -12.39
CA GLY B 60 2.91 20.91 -13.12
C GLY B 60 3.56 19.85 -12.24
N ARG B 61 3.42 19.91 -10.91
CA ARG B 61 3.91 18.83 -9.99
C ARG B 61 3.13 17.54 -10.28
N ARG B 62 3.84 16.44 -10.43
CA ARG B 62 3.26 15.13 -10.74
C ARG B 62 3.23 14.29 -9.45
N PHE B 63 2.06 13.76 -9.14
CA PHE B 63 1.79 12.85 -8.01
C PHE B 63 1.42 11.49 -8.61
N SER B 64 2.14 10.51 -8.17
CA SER B 64 1.78 9.12 -8.39
C SER B 64 1.37 8.55 -7.01
N GLN B 65 0.94 7.31 -7.07
CA GLN B 65 0.46 6.48 -5.94
C GLN B 65 -0.97 6.91 -5.63
N SER B 66 -1.90 6.07 -6.07
CA SER B 66 -3.36 6.29 -5.92
C SER B 66 -3.71 6.64 -4.46
N LEU B 67 -3.19 5.93 -3.46
CA LEU B 67 -3.54 6.28 -2.05
C LEU B 67 -2.88 7.60 -1.60
N ALA B 68 -1.68 7.96 -2.08
CA ALA B 68 -1.12 9.29 -1.75
C ALA B 68 -1.99 10.37 -2.40
N ILE B 69 -2.46 10.13 -3.63
CA ILE B 69 -3.27 11.14 -4.36
C ILE B 69 -4.57 11.29 -3.58
N ILE B 70 -5.18 10.19 -3.16
CA ILE B 70 -6.48 10.32 -2.44
C ILE B 70 -6.27 11.17 -1.18
N ASP B 71 -5.24 10.86 -0.41
CA ASP B 71 -4.89 11.63 0.81
C ASP B 71 -4.66 13.12 0.48
N TYR B 72 -3.94 13.43 -0.61
CA TYR B 72 -3.68 14.82 -1.04
C TYR B 72 -4.98 15.56 -1.41
N LEU B 73 -5.93 14.88 -2.04
CA LEU B 73 -7.23 15.49 -2.40
C LEU B 73 -7.96 15.97 -1.15
N ASP B 74 -7.77 15.35 0.01
CA ASP B 74 -8.37 15.85 1.26
C ASP B 74 -7.72 17.18 1.70
N ALA B 75 -6.50 17.50 1.28
CA ALA B 75 -5.88 18.83 1.50
C ALA B 75 -6.42 19.83 0.49
N VAL B 76 -6.56 19.42 -0.78
CA VAL B 76 -7.01 20.29 -1.89
C VAL B 76 -8.44 20.77 -1.63
N GLN B 77 -9.33 19.89 -1.19
CA GLN B 77 -10.77 20.19 -0.88
C GLN B 77 -11.22 19.25 0.22
N PRO B 78 -11.12 19.70 1.47
CA PRO B 78 -11.38 18.83 2.61
C PRO B 78 -12.74 18.11 2.58
N GLU B 79 -13.82 18.80 2.19
CA GLU B 79 -15.21 18.25 2.23
C GLU B 79 -15.63 17.82 0.83
N PRO B 80 -16.30 16.66 0.65
CA PRO B 80 -16.44 15.63 1.68
C PRO B 80 -15.15 14.79 1.84
N ARG B 81 -14.88 14.33 3.06
CA ARG B 81 -13.56 13.83 3.47
C ARG B 81 -13.40 12.38 2.99
N LEU B 82 -12.30 12.01 2.35
CA LEU B 82 -12.15 10.59 1.88
C LEU B 82 -11.46 9.75 2.94
N ILE B 83 -10.73 10.40 3.85
CA ILE B 83 -9.99 9.71 4.97
C ILE B 83 -10.46 10.30 6.27
N PRO B 84 -10.91 9.48 7.23
CA PRO B 84 -11.46 10.01 8.47
C PRO B 84 -10.48 10.85 9.30
N LEU B 85 -11.03 11.81 10.05
CA LEU B 85 -10.25 12.67 10.95
C LEU B 85 -9.98 11.93 12.26
N ASP B 86 -10.97 11.21 12.78
CA ASP B 86 -10.80 10.44 14.04
C ASP B 86 -9.71 9.38 13.85
N PRO B 87 -8.73 9.29 14.79
CA PRO B 87 -7.54 8.45 14.62
C PRO B 87 -7.80 6.95 14.56
N LEU B 88 -8.69 6.50 15.45
CA LEU B 88 -9.12 5.10 15.43
C LEU B 88 -9.86 4.78 14.10
N HIS B 89 -10.80 5.62 13.69
CA HIS B 89 -11.62 5.37 12.48
C HIS B 89 -10.65 5.42 11.29
N ARG B 90 -9.66 6.31 11.32
CA ARG B 90 -8.68 6.43 10.21
C ARG B 90 -7.86 5.12 10.13
N ALA B 91 -7.35 4.62 11.27
CA ALA B 91 -6.51 3.39 11.31
C ALA B 91 -7.31 2.23 10.75
N GLN B 92 -8.61 2.14 11.08
CA GLN B 92 -9.50 1.06 10.59
C GLN B 92 -9.74 1.19 9.08
N ALA B 93 -10.01 2.39 8.59
CA ALA B 93 -10.25 2.62 7.15
C ALA B 93 -8.94 2.32 6.38
N LEU B 94 -7.79 2.80 6.87
CA LEU B 94 -6.49 2.53 6.18
C LEU B 94 -6.15 1.06 6.25
N GLU B 95 -6.56 0.34 7.29
CA GLU B 95 -6.26 -1.11 7.40
C GLU B 95 -6.95 -1.82 6.24
N LEU B 96 -8.23 -1.51 5.99
CA LEU B 96 -8.99 -2.19 4.91
C LEU B 96 -8.48 -1.72 3.55
N ALA B 97 -8.26 -0.42 3.37
CA ALA B 97 -7.76 0.12 2.08
C ALA B 97 -6.40 -0.52 1.73
N LEU B 98 -5.50 -0.66 2.70
CA LEU B 98 -4.12 -1.16 2.52
C LEU B 98 -4.17 -2.66 2.35
N LEU B 99 -5.15 -3.33 2.94
CA LEU B 99 -5.32 -4.78 2.63
C LEU B 99 -5.51 -4.99 1.13
N VAL B 100 -6.42 -4.22 0.52
CA VAL B 100 -6.63 -4.28 -0.95
C VAL B 100 -5.36 -3.80 -1.70
N ALA B 101 -4.82 -2.64 -1.33
CA ALA B 101 -3.80 -1.94 -2.13
C ALA B 101 -2.42 -2.60 -1.99
N CYS B 102 -2.16 -3.31 -0.91
CA CYS B 102 -0.85 -3.97 -0.59
C CYS B 102 -0.93 -5.50 -0.74
N ASP B 103 -2.05 -6.14 -0.36
CA ASP B 103 -2.10 -7.62 -0.18
C ASP B 103 -2.92 -8.28 -1.27
N ILE B 104 -3.66 -7.54 -2.10
CA ILE B 104 -4.42 -8.19 -3.22
C ILE B 104 -3.94 -7.66 -4.57
N HIS B 105 -4.23 -6.39 -4.86
CA HIS B 105 -4.09 -5.79 -6.20
C HIS B 105 -2.66 -5.95 -6.73
N PRO B 106 -1.58 -5.71 -5.95
CA PRO B 106 -0.24 -5.78 -6.55
C PRO B 106 0.13 -7.16 -7.17
N LEU B 107 -0.45 -8.22 -6.65
CA LEU B 107 -0.20 -9.60 -7.18
C LEU B 107 -1.01 -9.83 -8.45
N ASN B 108 -2.08 -9.06 -8.69
CA ASN B 108 -3.13 -9.36 -9.71
C ASN B 108 -3.13 -8.25 -10.77
N ASN B 109 -2.08 -7.44 -10.79
CA ASN B 109 -1.77 -6.32 -11.71
C ASN B 109 -1.63 -6.88 -13.13
N VAL B 110 -1.92 -6.08 -14.17
CA VAL B 110 -1.55 -6.48 -15.55
C VAL B 110 -0.02 -6.69 -15.64
N ARG B 111 0.75 -5.82 -15.05
CA ARG B 111 2.18 -5.93 -15.08
C ARG B 111 2.65 -7.31 -14.57
N VAL B 112 2.09 -7.81 -13.49
CA VAL B 112 2.48 -9.11 -12.97
C VAL B 112 2.06 -10.29 -13.84
N LEU B 113 0.86 -10.20 -14.38
CA LEU B 113 0.27 -11.25 -15.24
C LEU B 113 1.06 -11.30 -16.55
N LYS B 114 1.54 -10.18 -17.07
CA LYS B 114 2.45 -10.16 -18.25
C LYS B 114 3.73 -10.90 -17.89
N TYR B 115 4.36 -10.56 -16.76
CA TYR B 115 5.60 -11.29 -16.33
C TYR B 115 5.29 -12.79 -16.25
N LEU B 116 4.20 -13.21 -15.61
CA LEU B 116 3.90 -14.66 -15.45
C LEU B 116 3.81 -15.31 -16.86
N THR B 117 3.19 -14.64 -17.83
CA THR B 117 2.98 -15.14 -19.22
C THR B 117 4.34 -15.16 -19.93
N GLN B 118 4.87 -13.97 -20.20
CA GLN B 118 5.97 -13.68 -21.15
C GLN B 118 7.31 -14.15 -20.58
N VAL B 119 7.43 -14.32 -19.26
CA VAL B 119 8.74 -14.71 -18.67
C VAL B 119 8.68 -16.14 -18.14
N LEU B 120 7.64 -16.55 -17.41
CA LEU B 120 7.63 -17.88 -16.76
C LEU B 120 6.73 -18.85 -17.56
N GLY B 121 6.18 -18.39 -18.68
CA GLY B 121 5.26 -19.16 -19.55
C GLY B 121 4.11 -19.83 -18.81
N ILE B 122 3.46 -19.13 -17.87
CA ILE B 122 2.28 -19.67 -17.11
C ILE B 122 1.03 -19.46 -17.97
N ASP B 123 0.22 -20.51 -18.22
CA ASP B 123 -0.96 -20.37 -19.13
C ASP B 123 -2.10 -19.62 -18.40
N ALA B 124 -3.11 -19.20 -19.18
CA ALA B 124 -4.36 -18.49 -18.77
C ALA B 124 -5.02 -19.20 -17.59
N GLU B 125 -4.98 -20.54 -17.57
CA GLU B 125 -5.61 -21.38 -16.53
C GLU B 125 -4.84 -21.26 -15.22
N ASP B 126 -3.52 -21.32 -15.25
CA ASP B 126 -2.72 -21.20 -14.00
C ASP B 126 -2.78 -19.74 -13.53
N ARG B 127 -2.79 -18.80 -14.47
CA ARG B 127 -2.94 -17.34 -14.21
C ARG B 127 -4.25 -17.08 -13.47
N GLN B 128 -5.38 -17.49 -14.08
CA GLN B 128 -6.72 -17.62 -13.43
C GLN B 128 -6.58 -18.06 -11.97
N ARG B 129 -5.96 -19.22 -11.70
CA ARG B 129 -5.90 -19.83 -10.33
C ARG B 129 -5.01 -18.98 -9.39
N TRP B 130 -3.94 -18.40 -9.91
CA TRP B 130 -3.14 -17.44 -9.11
C TRP B 130 -4.05 -16.29 -8.67
N TYR B 131 -4.73 -15.67 -9.64
CA TYR B 131 -5.59 -14.47 -9.44
C TYR B 131 -6.59 -14.78 -8.31
N ALA B 132 -7.20 -15.96 -8.41
CA ALA B 132 -8.34 -16.38 -7.58
C ALA B 132 -7.82 -16.72 -6.19
N HIS B 133 -6.58 -17.19 -6.05
CA HIS B 133 -5.99 -17.49 -4.73
C HIS B 133 -5.80 -16.18 -3.93
N TRP B 134 -5.18 -15.16 -4.49
CA TRP B 134 -4.85 -13.92 -3.76
C TRP B 134 -6.18 -13.19 -3.50
N VAL B 135 -7.11 -13.27 -4.47
CA VAL B 135 -8.48 -12.72 -4.28
C VAL B 135 -9.15 -13.42 -3.10
N ALA B 136 -9.20 -14.74 -3.01
CA ALA B 136 -9.97 -15.44 -1.92
C ALA B 136 -9.35 -15.09 -0.56
N GLU B 137 -8.04 -15.20 -0.44
CA GLU B 137 -7.32 -14.88 0.82
C GLU B 137 -7.65 -13.44 1.23
N GLY B 138 -7.51 -12.48 0.31
CA GLY B 138 -7.68 -11.05 0.64
C GLY B 138 -9.13 -10.67 0.93
N LEU B 139 -10.07 -11.11 0.10
CA LEU B 139 -11.49 -10.68 0.24
C LEU B 139 -12.12 -11.35 1.47
N ALA B 140 -11.69 -12.57 1.88
CA ALA B 140 -12.20 -13.16 3.13
C ALA B 140 -11.85 -12.25 4.30
N ALA B 141 -10.64 -11.70 4.31
CA ALA B 141 -10.17 -10.82 5.40
C ALA B 141 -10.92 -9.49 5.28
N ALA B 142 -11.16 -9.00 4.07
CA ALA B 142 -11.83 -7.69 3.80
C ALA B 142 -13.29 -7.77 4.30
N GLU B 143 -13.96 -8.86 4.02
CA GLU B 143 -15.38 -9.11 4.45
C GLU B 143 -15.41 -9.00 5.98
N THR B 144 -14.46 -9.63 6.68
CA THR B 144 -14.40 -9.60 8.17
C THR B 144 -14.13 -8.18 8.67
N LEU B 145 -13.20 -7.44 8.05
CA LEU B 145 -12.91 -6.07 8.54
C LEU B 145 -14.17 -5.20 8.33
N LEU B 146 -14.83 -5.34 7.20
CA LEU B 146 -16.06 -4.54 6.90
C LEU B 146 -17.10 -4.85 7.98
N ASN B 147 -17.37 -6.12 8.22
CA ASN B 147 -18.36 -6.57 9.23
C ASN B 147 -18.02 -6.10 10.63
N ARG B 148 -16.74 -6.05 11.02
CA ARG B 148 -16.32 -5.71 12.41
C ARG B 148 -16.07 -4.23 12.61
N HIS B 149 -15.71 -3.46 11.60
CA HIS B 149 -15.21 -2.09 11.89
C HIS B 149 -16.00 -0.99 11.18
N ARG B 150 -16.88 -1.31 10.25
CA ARG B 150 -17.61 -0.26 9.49
C ARG B 150 -18.33 0.68 10.47
N ARG B 151 -18.47 1.94 10.08
CA ARG B 151 -19.17 2.93 10.93
C ARG B 151 -20.60 3.13 10.46
N GLY B 152 -20.95 2.71 9.25
CA GLY B 152 -22.23 3.06 8.62
C GLY B 152 -22.51 2.26 7.37
N ALA B 153 -23.40 2.82 6.54
CA ALA B 153 -23.84 2.27 5.24
C ALA B 153 -22.58 2.05 4.43
N PHE B 154 -21.64 2.99 4.57
CA PHE B 154 -20.27 2.86 4.01
C PHE B 154 -19.31 2.61 5.18
N PHE B 155 -18.05 2.31 4.87
CA PHE B 155 -17.08 1.90 5.90
C PHE B 155 -16.93 3.04 6.92
N ALA B 156 -16.73 4.25 6.44
CA ALA B 156 -16.38 5.38 7.31
C ALA B 156 -17.66 6.00 7.90
N GLY B 157 -18.86 5.62 7.48
CA GLY B 157 -20.09 6.31 7.92
C GLY B 157 -21.11 6.46 6.82
N ALA B 158 -21.74 7.62 6.72
CA ALA B 158 -22.87 7.81 5.79
C ALA B 158 -22.33 8.16 4.39
N ALA B 159 -21.01 8.39 4.23
CA ALA B 159 -20.41 8.77 2.92
C ALA B 159 -19.32 7.75 2.50
N ALA B 160 -19.21 7.46 1.20
CA ALA B 160 -18.11 6.68 0.61
C ALA B 160 -16.76 7.41 0.77
N GLY B 161 -15.70 6.64 0.85
CA GLY B 161 -14.36 7.21 1.07
C GLY B 161 -13.28 6.28 0.55
N ILE B 162 -12.09 6.39 1.11
CA ILE B 162 -10.91 5.67 0.61
C ILE B 162 -11.19 4.17 0.54
N VAL B 163 -11.99 3.59 1.45
CA VAL B 163 -12.21 2.13 1.44
C VAL B 163 -12.94 1.73 0.14
N GLU B 164 -13.99 2.50 -0.22
CA GLU B 164 -14.83 2.18 -1.40
C GLU B 164 -14.01 2.52 -2.65
N CYS B 165 -13.16 3.53 -2.59
CA CYS B 165 -12.28 3.84 -3.75
C CYS B 165 -11.41 2.60 -4.06
N CYS B 166 -11.00 1.83 -3.06
CA CYS B 166 -10.14 0.63 -3.27
C CYS B 166 -11.00 -0.61 -3.55
N LEU B 167 -12.12 -0.79 -2.85
CA LEU B 167 -12.89 -2.05 -3.01
C LEU B 167 -13.59 -2.16 -4.35
N VAL B 168 -14.21 -1.11 -4.81
CA VAL B 168 -15.06 -1.19 -6.03
C VAL B 168 -14.18 -1.63 -7.19
N PRO B 169 -12.99 -1.05 -7.42
CA PRO B 169 -12.16 -1.54 -8.51
C PRO B 169 -11.72 -3.00 -8.32
N GLN B 170 -11.40 -3.38 -7.10
CA GLN B 170 -10.93 -4.76 -6.81
C GLN B 170 -12.07 -5.78 -7.06
N LEU B 171 -13.31 -5.49 -6.67
CA LEU B 171 -14.46 -6.43 -6.94
C LEU B 171 -14.73 -6.50 -8.45
N ALA B 172 -14.69 -5.40 -9.18
CA ALA B 172 -14.93 -5.43 -10.65
C ALA B 172 -13.89 -6.37 -11.29
N ASN B 173 -12.65 -6.28 -10.84
CA ASN B 173 -11.51 -7.06 -11.36
C ASN B 173 -11.73 -8.53 -11.04
N ALA B 174 -12.02 -8.83 -9.79
CA ALA B 174 -12.23 -10.23 -9.34
C ALA B 174 -13.39 -10.85 -10.13
N ARG B 175 -14.46 -10.08 -10.37
CA ARG B 175 -15.67 -10.60 -11.04
C ARG B 175 -15.27 -10.95 -12.48
N ARG B 176 -14.57 -10.02 -13.13
CA ARG B 176 -14.16 -10.15 -14.55
C ARG B 176 -13.19 -11.34 -14.70
N MET B 177 -12.44 -11.70 -13.66
CA MET B 177 -11.47 -12.83 -13.77
C MET B 177 -12.16 -14.15 -13.39
N GLY B 178 -13.47 -14.14 -13.14
CA GLY B 178 -14.20 -15.41 -12.95
C GLY B 178 -14.11 -15.86 -11.53
N CYS B 179 -13.77 -14.96 -10.59
CA CYS B 179 -13.67 -15.37 -9.17
C CYS B 179 -15.07 -15.57 -8.58
N ASP B 180 -15.15 -16.50 -7.65
CA ASP B 180 -16.36 -16.74 -6.83
C ASP B 180 -16.48 -15.64 -5.77
N LEU B 181 -17.51 -14.80 -5.87
CA LEU B 181 -17.73 -13.66 -4.94
C LEU B 181 -18.87 -13.96 -3.96
N ALA B 182 -19.51 -15.12 -4.07
CA ALA B 182 -20.57 -15.60 -3.15
C ALA B 182 -20.13 -15.55 -1.70
N PRO B 183 -18.88 -15.91 -1.32
CA PRO B 183 -18.47 -15.82 0.09
C PRO B 183 -18.36 -14.39 0.68
N TYR B 184 -18.60 -13.33 -0.10
CA TYR B 184 -18.42 -11.94 0.43
C TYR B 184 -19.73 -11.14 0.28
N PRO B 185 -20.84 -11.55 0.96
CA PRO B 185 -22.12 -10.84 0.80
C PRO B 185 -22.06 -9.38 1.28
N ALA B 186 -21.33 -9.08 2.36
CA ALA B 186 -21.26 -7.68 2.83
C ALA B 186 -20.46 -6.88 1.78
N LEU B 187 -19.40 -7.44 1.19
CA LEU B 187 -18.62 -6.68 0.16
C LEU B 187 -19.53 -6.42 -1.05
N LEU B 188 -20.30 -7.42 -1.49
CA LEU B 188 -21.23 -7.26 -2.63
C LEU B 188 -22.28 -6.18 -2.30
N GLU B 189 -22.79 -6.16 -1.10
CA GLU B 189 -23.83 -5.19 -0.73
C GLU B 189 -23.20 -3.78 -0.76
N LEU B 190 -21.99 -3.63 -0.22
CA LEU B 190 -21.36 -2.29 -0.18
C LEU B 190 -21.11 -1.85 -1.62
N GLU B 191 -20.63 -2.77 -2.44
CA GLU B 191 -20.37 -2.47 -3.85
C GLU B 191 -21.66 -1.95 -4.50
N GLY B 192 -22.80 -2.62 -4.28
CA GLY B 192 -24.10 -2.21 -4.83
C GLY B 192 -24.49 -0.82 -4.35
N ARG B 193 -24.26 -0.50 -3.08
CA ARG B 193 -24.58 0.86 -2.59
C ARG B 193 -23.73 1.89 -3.32
N CYS B 194 -22.46 1.62 -3.53
CA CYS B 194 -21.58 2.56 -4.30
C CYS B 194 -22.03 2.73 -5.75
N LEU B 195 -22.22 1.64 -6.49
CA LEU B 195 -22.56 1.65 -7.94
C LEU B 195 -23.93 2.29 -8.17
N ALA B 196 -24.78 2.41 -7.14
CA ALA B 196 -26.08 3.13 -7.28
C ALA B 196 -25.84 4.63 -7.32
N LEU B 197 -24.66 5.10 -6.93
CA LEU B 197 -24.38 6.54 -6.83
C LEU B 197 -23.88 7.05 -8.20
N GLU B 198 -24.27 8.28 -8.54
CA GLU B 198 -23.82 8.95 -9.78
C GLU B 198 -22.27 9.06 -9.79
N ALA B 199 -21.63 9.42 -8.67
CA ALA B 199 -20.16 9.63 -8.61
C ALA B 199 -19.47 8.33 -9.07
N PHE B 200 -19.91 7.18 -8.61
CA PHE B 200 -19.27 5.91 -9.01
C PHE B 200 -19.56 5.58 -10.47
N GLN B 201 -20.81 5.79 -10.89
CA GLN B 201 -21.19 5.51 -12.29
C GLN B 201 -20.35 6.39 -13.25
N ARG B 202 -20.15 7.68 -12.93
CA ARG B 202 -19.28 8.58 -13.76
C ARG B 202 -17.85 8.03 -13.83
N ALA B 203 -17.34 7.53 -12.69
CA ALA B 203 -15.94 7.07 -12.55
C ALA B 203 -15.74 5.73 -13.25
N SER B 204 -16.81 4.98 -13.51
CA SER B 204 -16.68 3.59 -13.98
C SER B 204 -15.89 3.56 -15.28
N PRO B 205 -15.13 2.48 -15.55
CA PRO B 205 -14.48 2.29 -16.84
C PRO B 205 -15.42 2.47 -18.04
N GLU B 206 -16.63 1.92 -17.92
CA GLU B 206 -17.60 1.80 -19.05
C GLU B 206 -18.10 3.18 -19.46
N ARG B 207 -17.96 4.19 -18.59
CA ARG B 207 -18.45 5.54 -18.86
C ARG B 207 -17.29 6.46 -19.23
N GLN B 208 -16.08 5.95 -19.37
CA GLN B 208 -14.92 6.82 -19.70
C GLN B 208 -15.00 7.20 -21.19
N PRO B 209 -14.56 8.41 -21.57
CA PRO B 209 -14.39 8.78 -22.97
C PRO B 209 -13.50 7.81 -23.78
N ASP B 210 -12.49 7.20 -23.18
CA ASP B 210 -11.55 6.28 -23.88
C ASP B 210 -12.09 4.84 -23.87
N TYR B 211 -13.35 4.60 -23.46
CA TYR B 211 -13.88 3.21 -23.41
C TYR B 211 -14.44 2.79 -24.79
N LEU B 212 -13.95 1.66 -25.31
CA LEU B 212 -14.54 0.67 -26.27
C LEU B 212 -15.98 0.99 -26.69
C1 GOL C . 19.64 -3.90 8.37
O1 GOL C . 18.35 -3.32 8.53
C2 GOL C . 19.78 -5.10 9.28
O2 GOL C . 20.88 -4.95 10.18
C3 GOL C . 19.89 -6.40 8.51
O3 GOL C . 18.72 -7.18 8.75
C1 GOL D . -1.24 6.80 5.42
O1 GOL D . -0.47 5.79 6.07
C2 GOL D . -2.08 6.23 4.28
O2 GOL D . -1.32 5.30 3.52
C3 GOL D . -2.69 7.28 3.37
O3 GOL D . -3.08 8.43 4.11
S SO4 E . 6.83 -10.12 5.38
O1 SO4 E . 6.43 -10.59 6.69
O2 SO4 E . 8.16 -10.57 5.00
O3 SO4 E . 6.77 -8.69 5.44
O4 SO4 E . 5.90 -10.59 4.38
S SO4 F . 8.99 13.20 -14.53
O1 SO4 F . 10.30 13.81 -14.40
O2 SO4 F . 8.32 13.24 -13.29
O3 SO4 F . 9.16 11.78 -14.92
O4 SO4 F . 8.21 13.96 -15.48
C1 GOL G . 6.79 3.11 -10.15
O1 GOL G . 6.16 4.04 -11.03
C2 GOL G . 6.64 1.69 -10.66
O2 GOL G . 7.65 1.44 -11.64
C3 GOL G . 6.69 0.64 -9.57
O3 GOL G . 7.76 -0.29 -9.73
C1 GOL H . -21.30 -11.01 -8.08
O1 GOL H . -22.51 -10.39 -7.67
C2 GOL H . -21.55 -11.92 -9.26
O2 GOL H . -20.65 -11.58 -10.31
C3 GOL H . -22.98 -11.81 -9.77
O3 GOL H . -23.10 -12.24 -11.13
S SO4 I . -3.77 -2.05 -13.13
O1 SO4 I . -3.73 -1.03 -12.13
O2 SO4 I . -2.78 -3.05 -12.89
O3 SO4 I . -5.05 -2.74 -13.16
O4 SO4 I . -3.51 -1.42 -14.40
#